data_3QSG
#
_entry.id   3QSG
#
_cell.length_a   113.838
_cell.length_b   61.005
_cell.length_c   50.068
_cell.angle_alpha   90.00
_cell.angle_beta   112.16
_cell.angle_gamma   90.00
#
_symmetry.space_group_name_H-M   'C 1 2 1'
#
loop_
_entity.id
_entity.type
_entity.pdbx_description
1 polymer 'NAD-binding phosphogluconate dehydrogenase-like protein'
2 non-polymer 'CHLORIDE ION'
3 water water
#
_entity_poly.entity_id   1
_entity_poly.type   'polypeptide(L)'
_entity_poly.pdbx_seq_one_letter_code
;(MSE)HHHHHHSSGVDLGTENLYFQSNA(MSE)KLGFIGFGEAASAIASGLRQAGAID(MSE)AAYDAASAESWRPRAEE
LGVSCKASVAEVAGECDVIFSLVTAQAALEVAQQAGPHLCEGALYADFTSCSPAVKRAIGDVISRHRPSAQYAAVAV
(MSE)SAVKPHGHRVPLVVDGDGARRFQAAFTLYGCRIEVLDGEVGGAALLK(MSE)CRSAVLKGLEALFLEALAAAEK
(MSE)GLADRVLASLDASFPEHHLRDLALYLVERNLEHADRRAHELGEVAATLCSVGVEPLVAEAGYRRLTRVAQVRAAL
KQRPGDVRAWLRSLANAEDA
;
_entity_poly.pdbx_strand_id   A
#
loop_
_chem_comp.id
_chem_comp.type
_chem_comp.name
_chem_comp.formula
CL non-polymer 'CHLORIDE ION' 'Cl -1'
#
# COMPACT_ATOMS: atom_id res chain seq x y z
N MSE A 25 -9.41 -5.62 24.00
CA MSE A 25 -8.32 -4.94 23.32
C MSE A 25 -8.69 -3.49 22.95
O MSE A 25 -9.79 -3.24 22.45
CB MSE A 25 -7.91 -5.71 22.06
CG MSE A 25 -6.68 -5.16 21.38
SE MSE A 25 -6.70 -5.53 19.47
CE MSE A 25 -6.18 -7.43 19.55
N LYS A 26 -7.75 -2.55 23.18
CA LYS A 26 -7.89 -1.13 22.82
C LYS A 26 -6.91 -0.88 21.65
N LEU A 27 -7.46 -0.75 20.45
CA LEU A 27 -6.73 -0.56 19.19
C LEU A 27 -6.70 0.90 18.83
N GLY A 28 -5.52 1.37 18.49
CA GLY A 28 -5.30 2.75 18.10
C GLY A 28 -4.71 2.87 16.72
N PHE A 29 -5.30 3.75 15.90
CA PHE A 29 -4.83 4.07 14.56
C PHE A 29 -4.12 5.43 14.55
N ILE A 30 -2.93 5.49 13.92
CA ILE A 30 -2.21 6.73 13.65
C ILE A 30 -2.35 6.87 12.12
N GLY A 31 -3.19 7.80 11.72
CA GLY A 31 -3.55 7.95 10.32
C GLY A 31 -4.90 7.28 10.12
N PHE A 32 -5.87 8.03 9.59
CA PHE A 32 -7.22 7.56 9.40
C PHE A 32 -7.79 7.94 8.01
N GLY A 33 -7.02 7.62 6.97
CA GLY A 33 -7.39 7.81 5.58
C GLY A 33 -8.38 6.76 5.14
N GLU A 34 -8.56 6.61 3.80
CA GLU A 34 -9.52 5.66 3.20
C GLU A 34 -9.21 4.20 3.57
N ALA A 35 -7.93 3.80 3.41
CA ALA A 35 -7.47 2.46 3.72
C ALA A 35 -7.66 2.15 5.19
N ALA A 36 -7.10 3.00 6.08
CA ALA A 36 -7.21 2.82 7.53
C ALA A 36 -8.65 2.67 8.02
N SER A 37 -9.58 3.54 7.57
CA SER A 37 -11.00 3.49 7.97
C SER A 37 -11.75 2.28 7.40
N ALA A 38 -11.34 1.78 6.20
CA ALA A 38 -11.94 0.56 5.62
C ALA A 38 -11.54 -0.64 6.51
N ILE A 39 -10.32 -0.60 7.09
CA ILE A 39 -9.81 -1.64 7.99
C ILE A 39 -10.59 -1.54 9.30
N ALA A 40 -10.72 -0.30 9.86
CA ALA A 40 -11.46 -0.06 11.10
C ALA A 40 -12.94 -0.48 10.98
N SER A 41 -13.56 -0.19 9.82
CA SER A 41 -14.96 -0.57 9.57
C SER A 41 -15.11 -2.10 9.56
N GLY A 42 -14.15 -2.78 8.92
CA GLY A 42 -14.11 -4.22 8.82
C GLY A 42 -13.99 -4.92 10.18
N LEU A 43 -13.09 -4.42 11.02
CA LEU A 43 -12.84 -4.95 12.38
C LEU A 43 -14.05 -4.76 13.30
N ARG A 44 -14.80 -3.66 13.10
CA ARG A 44 -16.01 -3.33 13.88
C ARG A 44 -17.07 -4.39 13.65
N GLN A 45 -17.29 -4.75 12.38
CA GLN A 45 -18.27 -5.77 12.00
C GLN A 45 -17.76 -7.18 12.32
N ALA A 46 -16.43 -7.38 12.38
CA ALA A 46 -15.82 -8.70 12.66
C ALA A 46 -15.93 -9.16 14.11
N GLY A 47 -16.05 -8.20 15.03
CA GLY A 47 -16.15 -8.47 16.45
C GLY A 47 -16.11 -7.22 17.31
N ALA A 48 -16.14 -7.42 18.65
CA ALA A 48 -16.09 -6.35 19.63
C ALA A 48 -14.65 -5.91 19.78
N ILE A 49 -14.42 -4.60 19.58
CA ILE A 49 -13.10 -3.95 19.66
C ILE A 49 -13.30 -2.47 20.00
N ASP A 50 -12.45 -1.95 20.91
CA ASP A 50 -12.44 -0.56 21.32
C ASP A 50 -11.37 0.12 20.47
N MSE A 51 -11.80 1.03 19.60
CA MSE A 51 -10.90 1.71 18.68
C MSE A 51 -10.82 3.22 18.93
O MSE A 51 -11.81 3.86 19.26
CB MSE A 51 -11.28 1.42 17.22
CG MSE A 51 -11.19 -0.06 16.85
SE MSE A 51 -11.67 -0.37 15.01
CE MSE A 51 -13.62 -0.32 15.20
N ALA A 52 -9.59 3.74 18.79
CA ALA A 52 -9.19 5.14 18.92
C ALA A 52 -8.35 5.51 17.68
N ALA A 53 -8.34 6.80 17.31
CA ALA A 53 -7.61 7.28 16.14
C ALA A 53 -7.14 8.72 16.25
N TYR A 54 -6.08 9.03 15.48
CA TYR A 54 -5.49 10.36 15.29
C TYR A 54 -4.93 10.42 13.88
N ASP A 55 -5.17 11.55 13.21
CA ASP A 55 -4.67 11.82 11.89
C ASP A 55 -4.23 13.27 11.93
N ALA A 56 -3.00 13.55 11.43
CA ALA A 56 -2.41 14.89 11.43
C ALA A 56 -3.13 15.87 10.49
N ALA A 57 -3.98 15.36 9.57
CA ALA A 57 -4.74 16.21 8.64
C ALA A 57 -5.86 16.95 9.38
N SER A 58 -6.47 17.96 8.72
CA SER A 58 -7.54 18.77 9.30
C SER A 58 -8.73 17.93 9.74
N ALA A 59 -9.28 18.23 10.93
CA ALA A 59 -10.41 17.56 11.58
C ALA A 59 -11.57 17.18 10.64
N GLU A 60 -11.96 18.09 9.74
CA GLU A 60 -13.05 17.91 8.76
C GLU A 60 -12.79 16.75 7.80
N SER A 61 -11.51 16.43 7.55
CA SER A 61 -11.08 15.37 6.64
C SER A 61 -11.21 13.94 7.20
N TRP A 62 -11.10 13.76 8.55
CA TRP A 62 -11.13 12.42 9.15
C TRP A 62 -12.11 12.15 10.29
N ARG A 63 -12.37 13.17 11.15
CA ARG A 63 -13.28 13.05 12.29
C ARG A 63 -14.73 12.58 12.02
N PRO A 64 -15.43 12.97 10.91
CA PRO A 64 -16.81 12.47 10.71
C PRO A 64 -16.86 10.96 10.46
N ARG A 65 -15.99 10.46 9.55
CA ARG A 65 -15.84 9.04 9.20
C ARG A 65 -15.49 8.19 10.44
N ALA A 66 -14.65 8.72 11.35
CA ALA A 66 -14.22 8.04 12.57
C ALA A 66 -15.34 7.91 13.61
N GLU A 67 -16.08 9.00 13.87
CA GLU A 67 -17.20 9.02 14.82
C GLU A 67 -18.34 8.12 14.35
N GLU A 68 -18.53 8.04 13.03
CA GLU A 68 -19.52 7.21 12.34
C GLU A 68 -19.26 5.71 12.61
N LEU A 69 -17.97 5.31 12.72
CA LEU A 69 -17.56 3.92 12.98
C LEU A 69 -17.40 3.65 14.49
N GLY A 70 -17.67 4.67 15.32
CA GLY A 70 -17.57 4.57 16.77
C GLY A 70 -16.15 4.59 17.28
N VAL A 71 -15.26 5.27 16.54
CA VAL A 71 -13.84 5.39 16.85
C VAL A 71 -13.60 6.70 17.61
N SER A 72 -13.03 6.60 18.82
CA SER A 72 -12.69 7.72 19.70
C SER A 72 -11.58 8.55 19.07
N CYS A 73 -11.88 9.80 18.69
CA CYS A 73 -10.92 10.71 18.05
C CYS A 73 -9.95 11.27 19.08
N LYS A 74 -8.66 11.30 18.75
CA LYS A 74 -7.63 11.82 19.66
C LYS A 74 -6.94 13.10 19.13
N ALA A 75 -6.25 13.84 20.02
CA ALA A 75 -5.57 15.10 19.69
C ALA A 75 -4.09 14.98 19.31
N SER A 76 -3.46 13.82 19.58
CA SER A 76 -2.05 13.60 19.28
C SER A 76 -1.68 12.13 19.09
N VAL A 77 -0.48 11.88 18.55
CA VAL A 77 0.09 10.53 18.43
C VAL A 77 0.34 10.02 19.88
N ALA A 78 0.88 10.91 20.77
CA ALA A 78 1.18 10.57 22.17
C ALA A 78 -0.05 10.02 22.89
N GLU A 79 -1.23 10.65 22.66
CA GLU A 79 -2.52 10.32 23.25
C GLU A 79 -2.97 8.92 22.85
N VAL A 80 -2.94 8.59 21.54
CA VAL A 80 -3.30 7.26 21.01
C VAL A 80 -2.39 6.23 21.67
N ALA A 81 -1.06 6.43 21.58
CA ALA A 81 -0.03 5.54 22.14
C ALA A 81 -0.12 5.25 23.65
N GLY A 82 -0.57 6.23 24.44
CA GLY A 82 -0.72 6.07 25.88
C GLY A 82 -1.96 5.34 26.33
N GLU A 83 -3.02 5.35 25.51
CA GLU A 83 -4.34 4.77 25.78
C GLU A 83 -4.59 3.39 25.18
N CYS A 84 -3.84 3.01 24.13
CA CYS A 84 -4.07 1.76 23.42
C CYS A 84 -2.97 0.73 23.65
N ASP A 85 -3.34 -0.56 23.69
CA ASP A 85 -2.38 -1.67 23.84
C ASP A 85 -1.86 -2.19 22.50
N VAL A 86 -2.58 -1.86 21.41
CA VAL A 86 -2.21 -2.19 20.02
C VAL A 86 -2.29 -0.93 19.18
N ILE A 87 -1.21 -0.66 18.43
CA ILE A 87 -1.15 0.48 17.53
C ILE A 87 -0.97 0.04 16.13
N PHE A 88 -1.77 0.62 15.23
CA PHE A 88 -1.58 0.45 13.80
C PHE A 88 -1.12 1.77 13.23
N SER A 89 0.10 1.79 12.72
CA SER A 89 0.59 2.98 12.01
C SER A 89 0.30 2.85 10.49
N LEU A 90 -0.62 3.69 9.99
CA LEU A 90 -1.05 3.73 8.60
C LEU A 90 -0.83 5.08 7.93
N VAL A 91 0.25 5.74 8.32
CA VAL A 91 0.62 7.01 7.76
C VAL A 91 1.39 6.83 6.42
N THR A 92 1.83 7.92 5.80
CA THR A 92 2.59 7.87 4.54
C THR A 92 3.96 7.29 4.88
N ALA A 93 4.66 6.74 3.89
CA ALA A 93 6.00 6.15 4.12
C ALA A 93 7.00 7.17 4.75
N GLN A 94 6.91 8.43 4.31
CA GLN A 94 7.80 9.52 4.73
C GLN A 94 7.60 9.88 6.18
N ALA A 95 6.39 9.67 6.71
CA ALA A 95 6.05 9.98 8.11
C ALA A 95 6.25 8.78 9.05
N ALA A 96 6.44 7.57 8.50
CA ALA A 96 6.50 6.32 9.30
C ALA A 96 7.49 6.37 10.52
N LEU A 97 8.73 6.78 10.26
CA LEU A 97 9.79 6.85 11.30
C LEU A 97 9.48 7.88 12.37
N GLU A 98 9.17 9.13 11.97
CA GLU A 98 8.85 10.20 12.90
C GLU A 98 7.65 9.80 13.79
N VAL A 99 6.61 9.15 13.21
CA VAL A 99 5.45 8.71 14.00
C VAL A 99 5.83 7.68 15.06
N ALA A 100 6.76 6.77 14.73
CA ALA A 100 7.22 5.77 15.70
C ALA A 100 8.02 6.46 16.82
N GLN A 101 8.84 7.48 16.46
CA GLN A 101 9.64 8.20 17.44
C GLN A 101 8.73 8.93 18.41
N GLN A 102 7.59 9.42 17.92
CA GLN A 102 6.62 10.16 18.73
C GLN A 102 5.86 9.19 19.65
N ALA A 103 5.47 8.02 19.10
CA ALA A 103 4.70 6.99 19.80
C ALA A 103 5.49 6.24 20.86
N GLY A 104 6.74 5.87 20.54
CA GLY A 104 7.62 5.05 21.38
C GLY A 104 7.57 5.36 22.86
N PRO A 105 7.83 6.63 23.26
CA PRO A 105 7.84 6.94 24.70
C PRO A 105 6.48 6.94 25.43
N HIS A 106 5.37 6.75 24.70
CA HIS A 106 4.03 6.77 25.28
C HIS A 106 3.40 5.38 25.30
N LEU A 107 4.00 4.43 24.60
CA LEU A 107 3.49 3.06 24.52
C LEU A 107 3.42 2.41 25.90
N CYS A 108 2.35 1.67 26.17
N CYS A 108 2.35 1.65 26.12
CA CYS A 108 2.20 0.98 27.45
CA CYS A 108 2.07 0.88 27.34
C CYS A 108 3.12 -0.25 27.45
C CYS A 108 3.08 -0.29 27.41
N GLU A 109 3.29 -0.88 28.61
CA GLU A 109 4.15 -2.07 28.74
C GLU A 109 3.51 -3.24 27.94
N GLY A 110 4.33 -4.00 27.20
CA GLY A 110 3.87 -5.11 26.38
C GLY A 110 3.00 -4.73 25.20
N ALA A 111 3.01 -3.44 24.79
CA ALA A 111 2.25 -2.96 23.63
C ALA A 111 2.65 -3.71 22.39
N LEU A 112 1.76 -3.71 21.42
CA LEU A 112 2.07 -4.24 20.10
C LEU A 112 2.00 -3.05 19.17
N TYR A 113 3.12 -2.78 18.47
CA TYR A 113 3.18 -1.69 17.51
C TYR A 113 3.28 -2.31 16.15
N ALA A 114 2.28 -2.06 15.30
CA ALA A 114 2.22 -2.59 13.95
C ALA A 114 2.34 -1.49 12.91
N ASP A 115 3.43 -1.53 12.16
CA ASP A 115 3.63 -0.53 11.11
C ASP A 115 3.14 -1.10 9.76
N PHE A 116 2.09 -0.48 9.15
CA PHE A 116 1.52 -0.93 7.88
C PHE A 116 2.04 -0.08 6.68
N THR A 117 2.96 0.86 6.93
CA THR A 117 3.37 1.81 5.89
C THR A 117 4.13 1.20 4.77
N SER A 118 4.19 1.90 3.64
CA SER A 118 4.93 1.37 2.48
C SER A 118 6.36 1.87 2.49
N CYS A 119 6.95 2.04 3.66
CA CYS A 119 8.33 2.52 3.83
C CYS A 119 9.31 1.37 3.42
N SER A 120 10.59 1.67 3.30
CA SER A 120 11.59 0.69 2.84
C SER A 120 11.90 -0.35 3.91
N PRO A 121 12.51 -1.50 3.54
CA PRO A 121 12.95 -2.44 4.57
C PRO A 121 13.85 -1.80 5.64
N ALA A 122 14.83 -0.97 5.26
CA ALA A 122 15.75 -0.33 6.25
C ALA A 122 14.97 0.53 7.23
N VAL A 123 13.90 1.21 6.76
CA VAL A 123 13.06 2.04 7.64
C VAL A 123 12.17 1.17 8.55
N LYS A 124 11.64 0.00 8.05
CA LYS A 124 10.89 -0.92 8.92
C LYS A 124 11.81 -1.36 10.07
N ARG A 125 13.11 -1.66 9.75
CA ARG A 125 14.04 -2.08 10.81
C ARG A 125 14.31 -0.94 11.77
N ALA A 126 14.50 0.29 11.23
CA ALA A 126 14.75 1.43 12.09
C ALA A 126 13.59 1.67 13.04
N ILE A 127 12.35 1.53 12.54
CA ILE A 127 11.14 1.68 13.35
C ILE A 127 11.10 0.65 14.48
N GLY A 128 11.38 -0.62 14.17
CA GLY A 128 11.43 -1.66 15.20
C GLY A 128 12.43 -1.30 16.30
N ASP A 129 13.58 -0.73 15.89
CA ASP A 129 14.62 -0.26 16.83
C ASP A 129 14.13 0.91 17.68
N VAL A 130 13.32 1.83 17.12
CA VAL A 130 12.76 2.95 17.91
C VAL A 130 11.84 2.39 19.01
N ILE A 131 10.93 1.46 18.63
CA ILE A 131 10.00 0.83 19.59
C ILE A 131 10.75 0.09 20.69
N SER A 132 11.80 -0.66 20.32
CA SER A 132 12.66 -1.41 21.25
C SER A 132 13.42 -0.51 22.24
N ARG A 133 13.93 0.65 21.78
CA ARG A 133 14.65 1.58 22.65
C ARG A 133 13.73 2.23 23.68
N HIS A 134 12.57 2.71 23.23
CA HIS A 134 11.60 3.39 24.12
C HIS A 134 10.77 2.46 25.02
N ARG A 135 10.30 1.32 24.49
CA ARG A 135 9.50 0.39 25.29
C ARG A 135 10.00 -1.03 25.07
N PRO A 136 11.08 -1.45 25.78
CA PRO A 136 11.66 -2.78 25.53
C PRO A 136 10.71 -3.97 25.64
N SER A 137 9.64 -3.89 26.46
CA SER A 137 8.63 -4.98 26.58
C SER A 137 7.69 -5.02 25.35
N ALA A 138 7.63 -3.93 24.58
CA ALA A 138 6.76 -3.89 23.41
C ALA A 138 7.23 -4.86 22.30
N GLN A 139 6.29 -5.24 21.46
CA GLN A 139 6.60 -6.08 20.28
C GLN A 139 6.24 -5.36 19.02
N TYR A 140 6.91 -5.73 17.94
CA TYR A 140 6.80 -5.03 16.67
C TYR A 140 6.42 -5.92 15.52
N ALA A 141 5.44 -5.46 14.75
CA ALA A 141 5.00 -6.15 13.56
C ALA A 141 5.22 -5.22 12.37
N ALA A 142 6.17 -5.61 11.49
CA ALA A 142 6.43 -4.84 10.27
C ALA A 142 5.49 -5.44 9.18
N VAL A 143 4.35 -4.75 8.94
CA VAL A 143 3.27 -5.30 8.14
C VAL A 143 3.38 -4.78 6.69
N ALA A 144 3.30 -5.67 5.72
CA ALA A 144 3.28 -5.29 4.31
C ALA A 144 1.84 -5.57 3.81
N VAL A 145 1.18 -4.54 3.32
CA VAL A 145 -0.16 -4.65 2.79
C VAL A 145 0.05 -5.02 1.32
N MSE A 146 -0.32 -6.27 0.97
CA MSE A 146 0.00 -6.92 -0.27
C MSE A 146 -0.69 -6.42 -1.53
O MSE A 146 -0.14 -6.62 -2.62
CB MSE A 146 -0.02 -8.45 -0.13
CG MSE A 146 1.03 -8.93 0.91
SE MSE A 146 2.90 -8.43 0.37
CE MSE A 146 3.09 -9.43 -1.07
N SER A 147 -1.84 -5.75 -1.40
CA SER A 147 -2.53 -5.14 -2.57
C SER A 147 -3.39 -3.99 -2.06
N ALA A 148 -4.08 -3.26 -2.95
CA ALA A 148 -4.97 -2.17 -2.54
C ALA A 148 -5.98 -2.69 -1.49
N VAL A 149 -6.29 -1.85 -0.49
CA VAL A 149 -7.19 -2.20 0.62
C VAL A 149 -8.64 -2.29 0.17
N LYS A 150 -9.11 -1.24 -0.54
CA LYS A 150 -10.50 -1.08 -1.00
C LYS A 150 -11.31 -2.37 -1.33
N PRO A 151 -10.85 -3.31 -2.19
CA PRO A 151 -11.69 -4.49 -2.46
C PRO A 151 -11.83 -5.47 -1.29
N HIS A 152 -10.93 -5.43 -0.30
CA HIS A 152 -10.90 -6.37 0.82
C HIS A 152 -11.20 -5.84 2.22
N GLY A 153 -11.00 -4.54 2.45
CA GLY A 153 -11.15 -3.95 3.78
C GLY A 153 -10.16 -4.54 4.77
N HIS A 154 -10.64 -5.02 5.95
CA HIS A 154 -9.78 -5.64 6.96
C HIS A 154 -9.17 -7.00 6.53
N ARG A 155 -9.72 -7.59 5.47
CA ARG A 155 -9.28 -8.89 4.95
C ARG A 155 -8.21 -8.79 3.83
N VAL A 156 -7.61 -7.59 3.67
CA VAL A 156 -6.57 -7.37 2.67
C VAL A 156 -5.38 -8.32 3.04
N PRO A 157 -4.78 -9.06 2.08
CA PRO A 157 -3.69 -9.96 2.44
C PRO A 157 -2.55 -9.17 3.06
N LEU A 158 -2.07 -9.64 4.20
CA LEU A 158 -0.93 -8.98 4.89
C LEU A 158 0.16 -10.03 5.00
N VAL A 159 1.41 -9.59 4.90
CA VAL A 159 2.60 -10.41 5.11
C VAL A 159 3.37 -9.63 6.15
N VAL A 160 3.86 -10.32 7.18
CA VAL A 160 4.40 -9.60 8.35
C VAL A 160 5.69 -10.29 8.87
N ASP A 161 6.64 -9.46 9.35
CA ASP A 161 7.79 -9.98 10.08
C ASP A 161 8.03 -9.13 11.32
N GLY A 162 9.10 -9.39 12.06
CA GLY A 162 9.31 -8.65 13.30
C GLY A 162 8.94 -9.54 14.46
N ASP A 163 9.45 -9.21 15.67
CA ASP A 163 9.22 -10.06 16.84
C ASP A 163 7.78 -10.13 17.30
N GLY A 164 6.93 -9.21 16.83
CA GLY A 164 5.50 -9.27 17.13
C GLY A 164 4.62 -9.86 16.04
N ALA A 165 5.23 -10.41 14.93
CA ALA A 165 4.49 -10.97 13.79
C ALA A 165 3.54 -12.08 14.15
N ARG A 166 4.02 -13.07 14.89
CA ARG A 166 3.17 -14.21 15.31
C ARG A 166 2.00 -13.76 16.16
N ARG A 167 2.25 -12.81 17.07
CA ARG A 167 1.28 -12.21 17.99
C ARG A 167 0.22 -11.43 17.24
N PHE A 168 0.66 -10.63 16.25
CA PHE A 168 -0.20 -9.89 15.35
C PHE A 168 -1.08 -10.88 14.56
N GLN A 169 -0.47 -11.98 14.04
CA GLN A 169 -1.23 -12.99 13.32
C GLN A 169 -2.28 -13.68 14.24
N ALA A 170 -1.86 -14.16 15.42
CA ALA A 170 -2.80 -14.84 16.33
C ALA A 170 -3.95 -13.89 16.73
N ALA A 171 -3.65 -12.62 17.05
CA ALA A 171 -4.67 -11.63 17.46
C ALA A 171 -5.67 -11.24 16.39
N PHE A 172 -5.21 -10.99 15.18
CA PHE A 172 -6.07 -10.48 14.15
C PHE A 172 -6.69 -11.51 13.23
N THR A 173 -6.14 -12.73 13.19
CA THR A 173 -6.81 -13.86 12.51
C THR A 173 -8.22 -14.08 13.14
N LEU A 174 -8.39 -13.75 14.45
CA LEU A 174 -9.68 -13.86 15.17
C LEU A 174 -10.76 -13.01 14.51
N TYR A 175 -10.38 -11.90 13.85
CA TYR A 175 -11.29 -10.98 13.17
C TYR A 175 -11.42 -11.25 11.67
N GLY A 176 -10.85 -12.35 11.20
CA GLY A 176 -10.89 -12.69 9.78
C GLY A 176 -9.83 -12.00 8.96
N CYS A 177 -8.76 -11.50 9.58
CA CYS A 177 -7.66 -10.92 8.83
C CYS A 177 -6.88 -12.07 8.15
N ARG A 178 -6.24 -11.76 7.01
CA ARG A 178 -5.47 -12.75 6.23
C ARG A 178 -4.04 -12.40 6.47
N ILE A 179 -3.35 -13.19 7.30
CA ILE A 179 -2.00 -12.76 7.67
C ILE A 179 -1.06 -13.91 7.52
N GLU A 180 0.05 -13.66 6.84
CA GLU A 180 1.11 -14.63 6.69
C GLU A 180 2.30 -14.08 7.42
N VAL A 181 3.01 -14.95 8.11
CA VAL A 181 4.20 -14.51 8.86
C VAL A 181 5.41 -14.96 8.04
N LEU A 182 6.35 -14.02 7.81
CA LEU A 182 7.55 -14.33 7.07
C LEU A 182 8.62 -14.60 8.07
N ASP A 183 9.26 -15.75 7.94
CA ASP A 183 10.29 -16.17 8.87
C ASP A 183 11.72 -15.75 8.49
N GLY A 184 11.99 -14.44 8.48
CA GLY A 184 13.32 -13.90 8.18
C GLY A 184 13.63 -12.62 8.93
N GLU A 185 14.58 -11.82 8.42
CA GLU A 185 14.96 -10.54 8.99
C GLU A 185 13.80 -9.53 8.78
N VAL A 186 13.63 -8.60 9.74
CA VAL A 186 12.61 -7.52 9.65
C VAL A 186 12.85 -6.73 8.33
N GLY A 187 11.78 -6.36 7.64
CA GLY A 187 11.90 -5.60 6.38
C GLY A 187 11.68 -6.51 5.18
N GLY A 188 11.69 -7.86 5.39
CA GLY A 188 11.50 -8.83 4.31
C GLY A 188 10.14 -8.71 3.64
N ALA A 189 9.07 -8.63 4.46
CA ALA A 189 7.68 -8.45 3.98
C ALA A 189 7.59 -7.18 3.15
N ALA A 190 8.18 -6.06 3.66
CA ALA A 190 8.26 -4.78 2.92
C ALA A 190 8.95 -4.99 1.55
N LEU A 191 10.06 -5.73 1.51
CA LEU A 191 10.70 -5.92 0.21
C LEU A 191 9.88 -6.79 -0.78
N LEU A 192 9.24 -7.85 -0.26
CA LEU A 192 8.38 -8.73 -1.07
C LEU A 192 7.24 -7.85 -1.67
N LYS A 193 6.63 -7.01 -0.87
CA LYS A 193 5.55 -6.12 -1.36
C LYS A 193 6.08 -5.22 -2.50
N MSE A 194 7.20 -4.53 -2.26
CA MSE A 194 7.74 -3.61 -3.25
C MSE A 194 8.19 -4.33 -4.54
O MSE A 194 8.06 -3.75 -5.62
CB MSE A 194 8.86 -2.74 -2.63
CG MSE A 194 8.42 -1.98 -1.45
SE MSE A 194 6.92 -0.80 -1.93
CE MSE A 194 7.67 0.84 -1.46
N CYS A 195 8.77 -5.53 -4.42
CA CYS A 195 9.18 -6.25 -5.64
C CYS A 195 7.98 -6.77 -6.44
N ARG A 196 6.91 -7.18 -5.74
CA ARG A 196 5.67 -7.57 -6.40
C ARG A 196 5.10 -6.34 -7.14
N SER A 197 5.07 -5.14 -6.46
CA SER A 197 4.54 -3.94 -7.13
C SER A 197 5.46 -3.53 -8.28
N ALA A 198 6.82 -3.74 -8.16
CA ALA A 198 7.75 -3.35 -9.28
C ALA A 198 7.28 -4.15 -10.54
N VAL A 199 7.00 -5.43 -10.38
CA VAL A 199 6.54 -6.26 -11.53
C VAL A 199 5.15 -5.80 -12.04
N LEU A 200 4.19 -5.68 -11.18
CA LEU A 200 2.80 -5.37 -11.61
C LEU A 200 2.65 -3.98 -12.22
N LYS A 201 3.18 -2.96 -11.55
CA LYS A 201 3.19 -1.57 -12.05
C LYS A 201 4.16 -1.45 -13.17
N GLY A 202 5.27 -2.22 -13.15
CA GLY A 202 6.22 -2.15 -14.26
C GLY A 202 5.60 -2.74 -15.53
N LEU A 203 4.84 -3.83 -15.40
CA LEU A 203 4.13 -4.42 -16.55
C LEU A 203 3.11 -3.44 -17.12
N GLU A 204 2.37 -2.76 -16.22
CA GLU A 204 1.38 -1.74 -16.62
C GLU A 204 2.09 -0.63 -17.45
N ALA A 205 3.24 -0.13 -16.94
CA ALA A 205 3.99 0.94 -17.64
C ALA A 205 4.48 0.43 -18.99
N LEU A 206 5.04 -0.79 -19.03
CA LEU A 206 5.57 -1.41 -20.24
C LEU A 206 4.47 -1.52 -21.34
N PHE A 207 3.29 -2.07 -20.98
CA PHE A 207 2.22 -2.19 -21.96
C PHE A 207 1.75 -0.82 -22.45
N LEU A 208 1.62 0.16 -21.54
CA LEU A 208 1.15 1.51 -21.93
C LEU A 208 2.12 2.16 -22.88
N GLU A 209 3.42 1.91 -22.68
CA GLU A 209 4.45 2.49 -23.55
C GLU A 209 4.46 1.79 -24.88
N ALA A 210 4.59 0.44 -24.89
CA ALA A 210 4.73 -0.29 -26.15
C ALA A 210 3.41 -0.26 -26.98
N LEU A 211 2.26 -0.28 -26.29
CA LEU A 211 0.98 -0.28 -26.98
C LEU A 211 0.60 1.10 -27.49
N ALA A 212 0.97 2.20 -26.77
CA ALA A 212 0.73 3.58 -27.30
C ALA A 212 1.59 3.75 -28.56
N ALA A 213 2.84 3.22 -28.54
CA ALA A 213 3.66 3.25 -29.72
C ALA A 213 3.05 2.47 -30.91
N ALA A 214 2.53 1.27 -30.66
CA ALA A 214 1.94 0.41 -31.69
C ALA A 214 0.76 1.11 -32.33
N GLU A 215 -0.01 1.83 -31.49
CA GLU A 215 -1.23 2.54 -31.91
C GLU A 215 -0.92 3.76 -32.79
N LYS A 216 0.35 4.18 -32.90
CA LYS A 216 0.74 5.27 -33.81
C LYS A 216 0.39 4.80 -35.22
N MSE A 217 0.32 3.46 -35.45
CA MSE A 217 -0.08 2.89 -36.73
C MSE A 217 -1.25 1.90 -36.58
O MSE A 217 -1.45 1.06 -37.45
CB MSE A 217 1.14 2.26 -37.45
CG MSE A 217 2.19 3.29 -37.97
SE MSE A 217 3.73 2.28 -38.64
CE MSE A 217 3.19 2.28 -40.45
N GLY A 218 -2.05 2.05 -35.50
CA GLY A 218 -3.21 1.20 -35.19
C GLY A 218 -2.87 -0.26 -35.01
N LEU A 219 -1.63 -0.60 -34.52
CA LEU A 219 -1.18 -1.98 -34.37
C LEU A 219 -1.27 -2.62 -32.96
N ALA A 220 -1.81 -1.93 -31.95
CA ALA A 220 -1.83 -2.49 -30.59
C ALA A 220 -2.52 -3.89 -30.55
N ASP A 221 -3.63 -4.03 -31.25
CA ASP A 221 -4.35 -5.32 -31.29
C ASP A 221 -3.48 -6.42 -31.92
N ARG A 222 -2.75 -6.09 -32.98
CA ARG A 222 -1.89 -7.02 -33.68
C ARG A 222 -0.68 -7.38 -32.83
N VAL A 223 -0.12 -6.43 -32.06
CA VAL A 223 0.98 -6.71 -31.12
C VAL A 223 0.47 -7.70 -30.06
N LEU A 224 -0.68 -7.42 -29.49
CA LEU A 224 -1.27 -8.32 -28.48
C LEU A 224 -1.58 -9.74 -29.05
N ALA A 225 -2.11 -9.83 -30.31
CA ALA A 225 -2.41 -11.11 -30.98
C ALA A 225 -1.07 -11.88 -31.15
N SER A 226 0.01 -11.14 -31.50
CA SER A 226 1.34 -11.72 -31.71
C SER A 226 1.92 -12.29 -30.43
N LEU A 227 1.76 -11.57 -29.32
CA LEU A 227 2.20 -12.06 -28.01
C LEU A 227 1.42 -13.32 -27.61
N ASP A 228 0.09 -13.30 -27.78
CA ASP A 228 -0.79 -14.43 -27.44
C ASP A 228 -0.46 -15.68 -28.24
N ALA A 229 -0.10 -15.54 -29.54
CA ALA A 229 0.21 -16.70 -30.40
C ALA A 229 1.55 -17.37 -30.04
N SER A 230 2.51 -16.57 -29.54
CA SER A 230 3.83 -17.02 -29.12
C SER A 230 3.90 -17.55 -27.69
N PHE A 231 3.08 -17.00 -26.76
CA PHE A 231 3.02 -17.39 -25.34
C PHE A 231 1.56 -17.69 -24.95
N PRO A 232 0.87 -18.65 -25.65
CA PRO A 232 -0.56 -18.89 -25.35
C PRO A 232 -0.92 -19.21 -23.90
N GLU A 233 -0.04 -19.95 -23.20
N GLU A 233 -0.07 -19.97 -23.19
CA GLU A 233 -0.20 -20.38 -21.80
CA GLU A 233 -0.34 -20.37 -21.80
C GLU A 233 -0.30 -19.20 -20.84
C GLU A 233 -0.31 -19.19 -20.82
N HIS A 234 0.31 -18.06 -21.21
CA HIS A 234 0.39 -16.89 -20.34
C HIS A 234 -0.68 -15.83 -20.52
N HIS A 235 -1.52 -15.96 -21.57
CA HIS A 235 -2.63 -15.03 -21.87
C HIS A 235 -2.28 -13.54 -21.75
N LEU A 236 -1.15 -13.15 -22.36
CA LEU A 236 -0.64 -11.77 -22.30
C LEU A 236 -1.60 -10.69 -22.82
N ARG A 237 -2.39 -10.99 -23.86
CA ARG A 237 -3.36 -10.02 -24.37
C ARG A 237 -4.36 -9.69 -23.25
N ASP A 238 -4.93 -10.72 -22.62
CA ASP A 238 -5.86 -10.56 -21.50
C ASP A 238 -5.19 -9.82 -20.35
N LEU A 239 -3.93 -10.16 -20.02
CA LEU A 239 -3.22 -9.48 -18.96
C LEU A 239 -3.02 -7.99 -19.26
N ALA A 240 -2.62 -7.64 -20.50
CA ALA A 240 -2.39 -6.26 -20.92
C ALA A 240 -3.70 -5.47 -20.92
N LEU A 241 -4.80 -6.08 -21.40
CA LEU A 241 -6.10 -5.42 -21.44
C LEU A 241 -6.62 -5.12 -20.03
N TYR A 242 -6.33 -6.00 -19.06
CA TYR A 242 -6.73 -5.83 -17.66
C TYR A 242 -5.90 -4.69 -17.04
N LEU A 243 -4.55 -4.75 -17.16
CA LEU A 243 -3.65 -3.73 -16.64
C LEU A 243 -3.94 -2.33 -17.16
N VAL A 244 -4.34 -2.20 -18.46
CA VAL A 244 -4.70 -0.94 -19.13
C VAL A 244 -6.08 -0.43 -18.67
N GLU A 245 -7.00 -1.38 -18.38
CA GLU A 245 -8.37 -1.09 -17.88
C GLU A 245 -8.23 -0.45 -16.50
N ARG A 246 -7.44 -1.08 -15.61
CA ARG A 246 -7.18 -0.56 -14.28
C ARG A 246 -6.53 0.81 -14.37
N ASN A 247 -5.54 0.98 -15.29
CA ASN A 247 -4.91 2.27 -15.52
C ASN A 247 -5.95 3.33 -15.85
N LEU A 248 -6.87 3.03 -16.81
CA LEU A 248 -7.93 3.94 -17.25
C LEU A 248 -8.84 4.36 -16.07
N GLU A 249 -8.71 3.68 -14.92
CA GLU A 249 -9.39 3.94 -13.64
C GLU A 249 -8.38 4.58 -12.64
N HIS A 250 -7.72 3.77 -11.76
CA HIS A 250 -6.74 4.16 -10.72
C HIS A 250 -5.33 4.54 -11.27
N ALA A 251 -5.26 5.45 -12.26
CA ALA A 251 -3.99 5.89 -12.86
C ALA A 251 -2.97 6.50 -11.86
N ASP A 252 -3.47 7.40 -10.97
CA ASP A 252 -2.70 8.19 -9.99
C ASP A 252 -1.95 7.42 -8.89
N ARG A 253 -2.64 6.49 -8.19
CA ARG A 253 -2.05 5.75 -7.08
C ARG A 253 -0.97 4.79 -7.57
N ARG A 254 -1.18 4.19 -8.76
CA ARG A 254 -0.17 3.28 -9.31
C ARG A 254 1.07 4.02 -9.69
N ALA A 255 0.96 5.26 -10.24
CA ALA A 255 2.21 6.00 -10.53
C ALA A 255 2.97 6.24 -9.21
N HIS A 256 2.29 6.82 -8.20
CA HIS A 256 2.89 7.06 -6.88
C HIS A 256 3.60 5.80 -6.31
N GLU A 257 2.93 4.63 -6.42
CA GLU A 257 3.43 3.38 -5.84
C GLU A 257 4.71 2.97 -6.50
N LEU A 258 4.82 3.17 -7.80
CA LEU A 258 6.06 2.80 -8.49
C LEU A 258 7.23 3.70 -8.10
N GLY A 259 6.92 4.96 -7.75
CA GLY A 259 7.90 5.88 -7.21
C GLY A 259 8.42 5.40 -5.87
N GLU A 260 7.52 4.82 -5.05
CA GLU A 260 7.97 4.29 -3.74
C GLU A 260 8.80 2.99 -3.95
N VAL A 261 8.40 2.16 -4.90
CA VAL A 261 9.11 0.92 -5.24
C VAL A 261 10.55 1.28 -5.69
N ALA A 262 10.69 2.30 -6.61
CA ALA A 262 12.03 2.71 -7.06
C ALA A 262 12.92 3.09 -5.86
N ALA A 263 12.35 3.79 -4.88
CA ALA A 263 13.10 4.19 -3.65
C ALA A 263 13.54 2.95 -2.82
N THR A 264 12.66 1.93 -2.72
CA THR A 264 13.00 0.70 -1.98
C THR A 264 14.09 -0.07 -2.70
N LEU A 265 14.02 -0.16 -4.04
CA LEU A 265 15.04 -0.86 -4.83
C LEU A 265 16.38 -0.19 -4.57
N CYS A 266 16.42 1.15 -4.68
CA CYS A 266 17.64 1.90 -4.40
C CYS A 266 18.17 1.61 -2.96
N SER A 267 17.26 1.58 -1.98
CA SER A 267 17.66 1.34 -0.58
C SER A 267 18.33 -0.05 -0.35
N VAL A 268 17.99 -1.07 -1.16
CA VAL A 268 18.61 -2.41 -1.04
C VAL A 268 19.79 -2.61 -2.01
N GLY A 269 20.20 -1.58 -2.72
CA GLY A 269 21.40 -1.57 -3.54
C GLY A 269 21.20 -1.90 -5.01
N VAL A 270 19.95 -1.82 -5.49
CA VAL A 270 19.62 -2.05 -6.90
C VAL A 270 19.27 -0.68 -7.48
N GLU A 271 20.04 -0.20 -8.51
CA GLU A 271 19.73 1.10 -9.14
C GLU A 271 18.37 0.91 -9.83
N PRO A 272 17.33 1.71 -9.51
CA PRO A 272 16.00 1.42 -10.08
C PRO A 272 15.80 1.91 -11.50
N LEU A 273 16.65 1.42 -12.43
CA LEU A 273 16.60 1.74 -13.88
C LEU A 273 15.22 1.55 -14.46
N VAL A 274 14.69 0.31 -14.36
CA VAL A 274 13.36 0.03 -14.90
C VAL A 274 12.25 0.62 -14.08
N ALA A 275 12.35 0.49 -12.76
CA ALA A 275 11.31 1.01 -11.88
C ALA A 275 11.14 2.51 -12.00
N GLU A 276 12.24 3.29 -12.00
CA GLU A 276 12.14 4.75 -12.13
C GLU A 276 11.56 5.15 -13.50
N ALA A 277 11.97 4.45 -14.56
CA ALA A 277 11.45 4.75 -15.91
C ALA A 277 9.95 4.47 -15.99
N GLY A 278 9.50 3.38 -15.34
CA GLY A 278 8.09 3.04 -15.23
C GLY A 278 7.35 4.12 -14.51
N TYR A 279 7.92 4.58 -13.39
CA TYR A 279 7.31 5.67 -12.64
C TYR A 279 7.14 6.92 -13.56
N ARG A 280 8.20 7.28 -14.33
CA ARG A 280 8.12 8.42 -15.28
C ARG A 280 7.03 8.17 -16.33
N ARG A 281 6.97 6.96 -16.85
CA ARG A 281 5.92 6.57 -17.84
C ARG A 281 4.50 6.71 -17.26
N LEU A 282 4.25 6.14 -16.05
CA LEU A 282 2.89 6.23 -15.48
C LEU A 282 2.51 7.64 -15.15
N THR A 283 3.51 8.45 -14.76
CA THR A 283 3.29 9.87 -14.49
C THR A 283 2.86 10.60 -15.74
N ARG A 284 3.57 10.35 -16.86
CA ARG A 284 3.23 10.98 -18.12
C ARG A 284 1.81 10.53 -18.57
N VAL A 285 1.49 9.23 -18.41
CA VAL A 285 0.16 8.66 -18.75
C VAL A 285 -0.95 9.36 -17.93
N ALA A 286 -0.73 9.58 -16.62
CA ALA A 286 -1.73 10.28 -15.79
C ALA A 286 -1.94 11.72 -16.21
N GLN A 287 -0.88 12.43 -16.66
CA GLN A 287 -1.01 13.81 -17.16
C GLN A 287 -1.85 13.80 -18.43
N VAL A 288 -1.68 12.79 -19.31
CA VAL A 288 -2.52 12.72 -20.52
C VAL A 288 -3.98 12.51 -20.09
N ARG A 289 -4.23 11.51 -19.20
CA ARG A 289 -5.56 11.21 -18.65
C ARG A 289 -6.22 12.45 -18.07
N ALA A 290 -5.47 13.18 -17.20
CA ALA A 290 -5.93 14.40 -16.52
C ALA A 290 -6.27 15.55 -17.47
N ALA A 291 -5.52 15.68 -18.58
CA ALA A 291 -5.68 16.73 -19.59
C ALA A 291 -6.93 16.57 -20.44
N LEU A 292 -7.48 15.33 -20.53
CA LEU A 292 -8.68 15.07 -21.34
C LEU A 292 -9.93 15.72 -20.71
N LYS A 293 -10.72 16.44 -21.53
CA LYS A 293 -11.98 17.05 -21.07
C LYS A 293 -12.94 15.94 -20.66
N GLN A 294 -12.89 14.82 -21.37
CA GLN A 294 -13.74 13.66 -21.11
C GLN A 294 -12.89 12.45 -21.39
N ARG A 295 -12.82 11.55 -20.39
CA ARG A 295 -12.04 10.32 -20.45
C ARG A 295 -12.58 9.40 -21.57
N PRO A 296 -11.72 8.58 -22.22
CA PRO A 296 -12.21 7.67 -23.26
C PRO A 296 -13.09 6.57 -22.66
N GLY A 297 -14.07 6.10 -23.44
CA GLY A 297 -15.00 5.05 -23.01
C GLY A 297 -14.35 3.70 -22.72
N ASP A 298 -13.39 3.29 -23.57
CA ASP A 298 -12.75 1.97 -23.46
C ASP A 298 -11.21 1.96 -23.59
N VAL A 299 -10.62 0.81 -23.25
CA VAL A 299 -9.18 0.46 -23.34
C VAL A 299 -8.63 0.82 -24.74
N ARG A 300 -9.34 0.44 -25.83
CA ARG A 300 -8.93 0.73 -27.21
C ARG A 300 -8.80 2.24 -27.45
N ALA A 301 -9.84 3.00 -27.08
CA ALA A 301 -9.85 4.46 -27.22
C ALA A 301 -8.77 5.11 -26.34
N TRP A 302 -8.55 4.56 -25.15
CA TRP A 302 -7.50 5.07 -24.26
C TRP A 302 -6.09 4.89 -24.88
N LEU A 303 -5.83 3.72 -25.48
CA LEU A 303 -4.54 3.48 -26.13
C LEU A 303 -4.37 4.43 -27.35
N ARG A 304 -5.49 4.76 -28.01
CA ARG A 304 -5.50 5.68 -29.14
C ARG A 304 -5.29 7.13 -28.68
N SER A 305 -5.93 7.58 -27.57
CA SER A 305 -5.66 8.92 -27.00
C SER A 305 -4.21 9.05 -26.64
N LEU A 306 -3.61 8.00 -26.01
CA LEU A 306 -2.18 8.05 -25.71
C LEU A 306 -1.34 8.15 -27.01
N ALA A 307 -1.68 7.39 -28.08
CA ALA A 307 -0.92 7.47 -29.34
C ALA A 307 -1.01 8.87 -29.91
N ASN A 308 -2.20 9.47 -29.83
CA ASN A 308 -2.46 10.80 -30.36
C ASN A 308 -1.97 11.99 -29.52
N ALA A 309 -1.50 11.71 -28.31
CA ALA A 309 -1.01 12.72 -27.36
C ALA A 309 0.40 13.12 -27.71
CL CL B . 6.08 9.59 -24.68
CL CL C . -4.70 0.93 -0.72
#